data_7G8M
#
_entry.id   7G8M
#
_cell.length_a   71.035
_cell.length_b   71.035
_cell.length_c   196.034
_cell.angle_alpha   90.000
_cell.angle_beta   90.000
_cell.angle_gamma   90.000
#
_symmetry.space_group_name_H-M   'P 43 21 2'
#
loop_
_entity.id
_entity.type
_entity.pdbx_description
1 polymer 'Transforming protein RhoA'
2 polymer 'Rho guanine nucleotide exchange factor 2'
3 non-polymer N-(1H-indol-7-yl)acetamide
4 non-polymer 'DIMETHYL SULFOXIDE'
5 non-polymer 'FORMIC ACID'
6 water water
#
loop_
_entity_poly.entity_id
_entity_poly.type
_entity_poly.pdbx_seq_one_letter_code
_entity_poly.pdbx_strand_id
1 'polypeptide(L)'
;SMAAIRKKLVIVGDGACGKTCLLIVFSKDQFPEVYVPTVFENYVADIEVDGKQVELALWDTAGQEDYDRLRPLSYPDTDV
ILMCFSIDSPDSLENIPEKWTPEVKHFCPNVPIILVGNKKDLRNDEHTRRELAKMKQEPVKPEEGRDMANRIGAFGYMEC
SAKTKDGVREVFEMATRAALQARRG
;
A
2 'polypeptide(L)'
;SMEMDEKDFAADSWSLAVDSSFLQQHKKEVMKQQDVIYELIQTELHHVRTLKIMTRLFRTGMLEELHLEPGVVQGLFPCV
DELSDIHTRFLSQLLERRRQALCPGSTRNFVIHRLGDLLISQFSGPSAEQMCKTYSEFCSRHSKALKLYKELYARDKRFQ
QFIRKVTRPAVLKRHGVQECILLVTQRITKYPLLISRILQHSHGIEEERQDLTTALGLVKELLSNVDEGIYQLEKGARLQ
EIYNR
;
B
#
# COMPACT_ATOMS: atom_id res chain seq x y z
N ALA A 4 20.48 -15.04 0.19
CA ALA A 4 19.52 -14.20 0.91
C ALA A 4 18.18 -14.90 1.00
N ILE A 5 17.66 -15.03 2.22
CA ILE A 5 16.36 -15.65 2.43
C ILE A 5 15.28 -14.56 2.30
N ARG A 6 14.07 -14.93 1.85
CA ARG A 6 12.99 -13.97 1.73
C ARG A 6 12.09 -14.02 2.97
N LYS A 7 11.85 -12.87 3.60
CA LYS A 7 11.03 -12.76 4.80
C LYS A 7 9.98 -11.67 4.62
N LYS A 8 8.81 -11.83 5.21
CA LYS A 8 7.72 -10.85 5.06
C LYS A 8 7.38 -10.19 6.39
N LEU A 9 7.36 -8.86 6.38
CA LEU A 9 7.03 -8.07 7.55
C LEU A 9 5.71 -7.32 7.29
N VAL A 10 4.80 -7.32 8.26
CA VAL A 10 3.55 -6.57 8.18
C VAL A 10 3.44 -5.64 9.39
N ILE A 11 3.17 -4.35 9.12
CA ILE A 11 3.00 -3.40 10.19
CA ILE A 11 2.99 -3.38 10.19
C ILE A 11 1.51 -3.16 10.42
N VAL A 12 1.10 -3.28 11.67
CA VAL A 12 -0.29 -3.12 12.09
CA VAL A 12 -0.28 -3.18 12.13
C VAL A 12 -0.39 -2.05 13.18
N GLY A 13 -1.58 -1.52 13.38
CA GLY A 13 -1.79 -0.46 14.35
C GLY A 13 -2.87 0.51 13.92
N ASP A 14 -3.32 1.38 14.83
CA ASP A 14 -4.38 2.34 14.51
C ASP A 14 -3.94 3.37 13.47
N GLY A 15 -4.90 4.02 12.83
CA GLY A 15 -4.64 5.04 11.82
C GLY A 15 -3.62 6.09 12.20
N ALA A 16 -3.72 6.65 13.41
CA ALA A 16 -2.79 7.70 13.83
C ALA A 16 -1.53 7.18 14.54
N CYS A 17 -1.13 5.90 14.30
CA CYS A 17 0.03 5.36 14.98
C CYS A 17 1.37 5.68 14.28
N GLY A 18 1.32 6.22 13.06
CA GLY A 18 2.51 6.58 12.28
C GLY A 18 3.18 5.42 11.57
N LYS A 19 2.45 4.31 11.31
CA LYS A 19 3.03 3.15 10.66
CA LYS A 19 3.03 3.15 10.66
C LYS A 19 3.49 3.43 9.22
N THR A 20 2.74 4.24 8.44
CA THR A 20 3.11 4.55 7.07
C THR A 20 4.38 5.37 7.05
N CYS A 21 4.49 6.37 7.95
CA CYS A 21 5.69 7.19 8.03
C CYS A 21 6.90 6.37 8.41
N LEU A 22 6.76 5.39 9.33
CA LEU A 22 7.88 4.54 9.74
C LEU A 22 8.46 3.72 8.55
N LEU A 23 7.59 3.09 7.73
CA LEU A 23 8.00 2.33 6.55
C LEU A 23 8.70 3.21 5.51
N ILE A 24 8.19 4.43 5.29
CA ILE A 24 8.74 5.38 4.30
C ILE A 24 10.15 5.83 4.71
N VAL A 25 10.31 6.27 5.97
CA VAL A 25 11.58 6.73 6.48
C VAL A 25 12.61 5.59 6.45
N PHE A 26 12.18 4.33 6.70
CA PHE A 26 13.11 3.20 6.62
C PHE A 26 13.51 2.89 5.16
N SER A 27 12.53 2.82 4.24
CA SER A 27 12.81 2.44 2.86
C SER A 27 13.62 3.49 2.10
N LYS A 28 13.40 4.78 2.37
CA LYS A 28 14.19 5.85 1.77
C LYS A 28 15.54 6.03 2.48
N ASP A 29 15.62 5.67 3.80
CA ASP A 29 16.72 5.88 4.75
C ASP A 29 16.87 7.41 4.96
N GLN A 30 15.72 8.09 5.08
CA GLN A 30 15.65 9.54 5.12
C GLN A 30 14.21 9.98 5.44
N PHE A 31 14.03 11.10 6.17
CA PHE A 31 12.71 11.69 6.39
C PHE A 31 12.55 12.61 5.19
N PRO A 32 11.57 12.34 4.30
CA PRO A 32 11.45 13.15 3.05
C PRO A 32 11.45 14.67 3.23
N GLU A 33 12.36 15.37 2.56
CA GLU A 33 12.51 16.80 2.74
C GLU A 33 11.55 17.67 1.94
N VAL A 34 11.03 17.16 0.82
CA VAL A 34 10.13 17.93 -0.03
C VAL A 34 8.68 17.48 0.11
N TYR A 35 8.44 16.16 0.15
CA TYR A 35 7.08 15.65 0.23
C TYR A 35 7.02 14.33 0.93
N VAL A 36 6.11 14.21 1.90
CA VAL A 36 5.92 12.95 2.59
C VAL A 36 4.75 12.27 1.91
N PRO A 37 4.98 11.11 1.30
CA PRO A 37 3.88 10.41 0.63
C PRO A 37 2.72 10.03 1.56
N THR A 38 1.53 10.04 1.02
CA THR A 38 0.30 9.66 1.70
C THR A 38 0.25 8.15 1.91
N VAL A 39 0.72 7.39 0.89
CA VAL A 39 0.62 5.95 0.95
C VAL A 39 1.96 5.26 0.73
N PHE A 40 2.01 3.98 1.11
CA PHE A 40 3.16 3.12 0.92
C PHE A 40 2.64 1.92 0.12
N GLU A 41 3.30 1.56 -1.00
CA GLU A 41 2.88 0.42 -1.80
C GLU A 41 3.46 -0.87 -1.17
N ASN A 42 4.74 -1.13 -1.40
CA ASN A 42 5.52 -2.20 -0.78
C ASN A 42 7.00 -1.85 -0.98
N TYR A 43 7.90 -2.67 -0.43
CA TYR A 43 9.33 -2.46 -0.56
C TYR A 43 10.02 -3.75 -0.19
N VAL A 44 11.17 -4.04 -0.79
CA VAL A 44 11.94 -5.22 -0.42
C VAL A 44 13.33 -4.75 0.01
N ALA A 45 13.56 -4.67 1.31
CA ALA A 45 14.83 -4.20 1.85
C ALA A 45 15.92 -5.27 1.82
N ASP A 46 17.13 -4.89 1.41
CA ASP A 46 18.29 -5.78 1.44
C ASP A 46 18.92 -5.50 2.77
N ILE A 47 18.78 -6.42 3.73
CA ILE A 47 19.31 -6.23 5.08
CA ILE A 47 19.33 -6.20 5.05
C ILE A 47 20.29 -7.31 5.47
N GLU A 48 21.38 -6.94 6.10
CA GLU A 48 22.34 -7.92 6.62
CA GLU A 48 22.34 -7.91 6.63
C GLU A 48 22.36 -7.75 8.15
N VAL A 49 21.83 -8.75 8.88
CA VAL A 49 21.82 -8.67 10.34
C VAL A 49 22.55 -9.88 10.95
N ASP A 50 23.51 -9.60 11.86
CA ASP A 50 24.31 -10.64 12.51
C ASP A 50 24.98 -11.61 11.51
N GLY A 51 25.44 -11.07 10.38
CA GLY A 51 26.09 -11.86 9.35
C GLY A 51 25.17 -12.54 8.37
N LYS A 52 23.85 -12.39 8.49
CA LYS A 52 22.90 -13.05 7.59
C LYS A 52 22.23 -12.08 6.64
N GLN A 53 22.28 -12.35 5.33
CA GLN A 53 21.64 -11.48 4.34
CA GLN A 53 21.66 -11.48 4.33
C GLN A 53 20.22 -11.93 4.13
N VAL A 54 19.27 -11.00 4.25
CA VAL A 54 17.85 -11.28 4.13
C VAL A 54 17.19 -10.24 3.19
N GLU A 55 16.19 -10.68 2.41
CA GLU A 55 15.35 -9.80 1.61
C GLU A 55 14.10 -9.63 2.46
N LEU A 56 13.86 -8.42 2.97
CA LEU A 56 12.70 -8.18 3.83
C LEU A 56 11.59 -7.38 3.09
N ALA A 57 10.54 -8.07 2.64
CA ALA A 57 9.41 -7.41 1.99
C ALA A 57 8.60 -6.72 3.09
N LEU A 58 8.32 -5.44 2.90
CA LEU A 58 7.63 -4.56 3.84
C LEU A 58 6.21 -4.25 3.40
N TRP A 59 5.24 -4.43 4.32
CA TRP A 59 3.85 -4.17 3.99
C TRP A 59 3.16 -3.33 5.05
N ASP A 60 2.26 -2.45 4.60
CA ASP A 60 1.46 -1.58 5.47
C ASP A 60 -0.01 -2.09 5.48
N THR A 61 -0.73 -1.84 6.58
CA THR A 61 -2.16 -2.14 6.66
C THR A 61 -3.03 -0.85 6.65
N ALA A 62 -2.43 0.32 6.41
CA ALA A 62 -3.12 1.60 6.41
C ALA A 62 -4.20 1.64 5.32
N GLY A 63 -5.38 2.07 5.73
CA GLY A 63 -6.53 2.10 4.86
C GLY A 63 -7.44 0.90 5.06
N GLN A 64 -6.92 -0.16 5.70
CA GLN A 64 -7.71 -1.38 5.90
C GLN A 64 -8.30 -1.52 7.29
N GLU A 65 -8.09 -0.53 8.18
CA GLU A 65 -8.58 -0.58 9.56
C GLU A 65 -10.10 -0.78 9.71
N ASP A 66 -10.91 -0.33 8.74
CA ASP A 66 -12.38 -0.46 8.80
C ASP A 66 -12.93 -1.66 8.03
N TYR A 67 -12.09 -2.41 7.31
CA TYR A 67 -12.57 -3.48 6.43
C TYR A 67 -12.08 -4.80 6.95
N ASP A 68 -12.89 -5.43 7.81
CA ASP A 68 -12.54 -6.65 8.51
C ASP A 68 -12.39 -7.88 7.63
N ARG A 69 -12.91 -7.88 6.42
CA ARG A 69 -12.75 -8.99 5.49
C ARG A 69 -11.59 -8.76 4.49
N LEU A 70 -11.29 -7.49 4.18
CA LEU A 70 -10.18 -7.17 3.29
C LEU A 70 -8.85 -7.23 4.04
N ARG A 71 -8.78 -6.64 5.27
CA ARG A 71 -7.55 -6.54 6.08
C ARG A 71 -6.78 -7.86 6.29
N PRO A 72 -7.40 -9.00 6.66
CA PRO A 72 -6.62 -10.24 6.84
C PRO A 72 -5.93 -10.76 5.58
N LEU A 73 -6.30 -10.29 4.37
CA LEU A 73 -5.61 -10.69 3.13
C LEU A 73 -4.16 -10.17 3.09
N SER A 74 -3.76 -9.27 4.03
CA SER A 74 -2.39 -8.81 4.14
C SER A 74 -1.54 -9.82 4.92
N TYR A 75 -2.15 -10.69 5.77
CA TYR A 75 -1.47 -11.62 6.68
C TYR A 75 -0.83 -12.89 6.10
N PRO A 76 -1.30 -13.54 5.02
CA PRO A 76 -0.65 -14.80 4.59
C PRO A 76 0.88 -14.77 4.44
N ASP A 77 1.55 -15.79 5.00
CA ASP A 77 3.01 -15.98 4.96
C ASP A 77 3.83 -14.94 5.71
N THR A 78 3.25 -14.22 6.68
CA THR A 78 3.98 -13.21 7.43
C THR A 78 5.03 -13.87 8.36
N ASP A 79 6.24 -13.34 8.40
CA ASP A 79 7.31 -13.85 9.25
C ASP A 79 7.51 -12.99 10.51
N VAL A 80 7.18 -11.69 10.44
CA VAL A 80 7.27 -10.81 11.60
C VAL A 80 6.20 -9.73 11.55
N ILE A 81 5.58 -9.45 12.71
CA ILE A 81 4.58 -8.39 12.82
C ILE A 81 5.14 -7.21 13.65
N LEU A 82 5.05 -5.98 13.14
CA LEU A 82 5.38 -4.81 13.93
C LEU A 82 4.03 -4.26 14.37
N MET A 83 3.79 -4.24 15.67
CA MET A 83 2.53 -3.74 16.23
CA MET A 83 2.54 -3.75 16.24
C MET A 83 2.79 -2.34 16.76
N CYS A 84 2.29 -1.34 16.06
CA CYS A 84 2.55 0.04 16.33
CA CYS A 84 2.54 0.06 16.37
C CYS A 84 1.45 0.76 17.12
N PHE A 85 1.88 1.68 18.00
CA PHE A 85 1.08 2.61 18.77
C PHE A 85 1.88 3.92 18.79
N SER A 86 1.23 5.02 19.11
CA SER A 86 1.86 6.32 19.14
C SER A 86 2.05 6.74 20.59
N ILE A 87 3.25 7.17 20.98
CA ILE A 87 3.53 7.61 22.33
C ILE A 87 2.72 8.89 22.72
N ASP A 88 2.32 9.70 21.72
CA ASP A 88 1.47 10.86 21.97
C ASP A 88 -0.04 10.48 22.03
N SER A 89 -0.36 9.19 22.01
CA SER A 89 -1.74 8.72 21.98
C SER A 89 -1.97 7.50 22.88
N PRO A 90 -2.19 7.71 24.19
CA PRO A 90 -2.40 6.56 25.10
C PRO A 90 -3.62 5.68 24.75
N ASP A 91 -4.59 6.21 23.98
CA ASP A 91 -5.77 5.49 23.52
C ASP A 91 -5.37 4.46 22.46
N SER A 92 -4.35 4.75 21.62
CA SER A 92 -3.89 3.76 20.65
C SER A 92 -3.18 2.56 21.36
N LEU A 93 -2.62 2.76 22.57
CA LEU A 93 -1.97 1.69 23.34
C LEU A 93 -3.04 0.77 23.97
N GLU A 94 -4.15 1.36 24.42
CA GLU A 94 -5.28 0.67 25.02
C GLU A 94 -5.96 -0.27 23.98
N ASN A 95 -5.90 0.05 22.68
CA ASN A 95 -6.49 -0.80 21.65
C ASN A 95 -5.63 -2.02 21.25
N ILE A 96 -4.36 -2.05 21.66
CA ILE A 96 -3.45 -3.14 21.36
C ILE A 96 -3.96 -4.53 21.86
N PRO A 97 -4.26 -4.72 23.18
CA PRO A 97 -4.66 -6.07 23.63
C PRO A 97 -6.06 -6.57 23.25
N GLU A 98 -7.05 -5.68 23.09
CA GLU A 98 -8.41 -6.13 22.83
C GLU A 98 -8.82 -6.09 21.34
N LYS A 99 -8.02 -5.46 20.46
CA LYS A 99 -8.37 -5.40 19.06
C LYS A 99 -7.32 -6.07 18.14
N TRP A 100 -6.09 -5.54 18.10
CA TRP A 100 -5.03 -6.02 17.20
C TRP A 100 -4.40 -7.34 17.61
N THR A 101 -4.07 -7.52 18.89
CA THR A 101 -3.46 -8.75 19.39
C THR A 101 -4.32 -10.03 19.11
N PRO A 102 -5.64 -10.10 19.45
CA PRO A 102 -6.41 -11.33 19.11
C PRO A 102 -6.46 -11.61 17.59
N GLU A 103 -6.49 -10.57 16.76
CA GLU A 103 -6.50 -10.70 15.31
C GLU A 103 -5.16 -11.25 14.79
N VAL A 104 -4.05 -10.69 15.26
CA VAL A 104 -2.73 -11.12 14.80
C VAL A 104 -2.44 -12.55 15.29
N LYS A 105 -2.91 -12.92 16.49
CA LYS A 105 -2.70 -14.28 16.98
C LYS A 105 -3.57 -15.29 16.25
N HIS A 106 -4.78 -14.93 15.82
CA HIS A 106 -5.64 -15.84 15.06
C HIS A 106 -5.10 -16.08 13.64
N PHE A 107 -4.79 -15.00 12.89
CA PHE A 107 -4.34 -15.13 11.50
C PHE A 107 -2.87 -15.48 11.34
N CYS A 108 -2.03 -15.15 12.36
CA CYS A 108 -0.58 -15.38 12.34
C CYS A 108 -0.14 -16.15 13.59
N PRO A 109 -0.58 -17.41 13.79
CA PRO A 109 -0.14 -18.14 14.99
C PRO A 109 1.37 -18.42 14.93
N ASN A 110 2.03 -18.27 16.06
CA ASN A 110 3.46 -18.50 16.18
C ASN A 110 4.35 -17.50 15.40
N VAL A 111 3.81 -16.34 14.99
CA VAL A 111 4.59 -15.31 14.31
C VAL A 111 5.02 -14.33 15.40
N PRO A 112 6.32 -13.99 15.53
CA PRO A 112 6.71 -13.03 16.59
C PRO A 112 6.16 -11.63 16.37
N ILE A 113 5.72 -10.97 17.46
CA ILE A 113 5.22 -9.61 17.39
C ILE A 113 6.20 -8.69 18.09
N ILE A 114 6.61 -7.59 17.48
CA ILE A 114 7.44 -6.60 18.15
C ILE A 114 6.52 -5.41 18.43
N LEU A 115 6.33 -5.02 19.71
CA LEU A 115 5.49 -3.88 20.02
C LEU A 115 6.38 -2.66 19.87
N VAL A 116 6.01 -1.75 18.96
CA VAL A 116 6.79 -0.56 18.65
C VAL A 116 6.07 0.73 19.06
N GLY A 117 6.68 1.50 19.98
CA GLY A 117 6.16 2.81 20.36
C GLY A 117 6.74 3.85 19.42
N ASN A 118 5.87 4.45 18.59
CA ASN A 118 6.28 5.46 17.61
CA ASN A 118 6.34 5.45 17.64
C ASN A 118 6.19 6.87 18.19
N LYS A 119 6.79 7.87 17.50
CA LYS A 119 6.73 9.28 17.84
C LYS A 119 7.27 9.61 19.22
N LYS A 120 8.31 8.89 19.65
CA LYS A 120 8.90 9.05 20.97
C LYS A 120 9.45 10.47 21.24
N ASP A 121 9.64 11.28 20.16
CA ASP A 121 10.06 12.68 20.20
C ASP A 121 8.98 13.52 20.90
N LEU A 122 7.70 13.20 20.65
CA LEU A 122 6.57 13.92 21.23
C LEU A 122 6.44 13.78 22.77
N ARG A 123 7.19 12.86 23.39
CA ARG A 123 7.25 12.73 24.85
C ARG A 123 7.89 14.00 25.49
N ASN A 124 8.65 14.79 24.69
CA ASN A 124 9.33 16.04 25.06
C ASN A 124 8.71 17.29 24.37
N ASP A 125 7.55 17.13 23.72
CA ASP A 125 6.86 18.20 23.03
C ASP A 125 5.95 18.93 24.03
N GLU A 126 6.00 20.28 24.04
CA GLU A 126 5.19 21.05 24.97
C GLU A 126 3.74 21.06 24.51
N HIS A 127 3.50 21.19 23.20
CA HIS A 127 2.15 21.18 22.64
C HIS A 127 1.47 19.82 22.87
N THR A 128 2.24 18.72 22.76
CA THR A 128 1.72 17.37 22.98
C THR A 128 1.31 17.20 24.42
N ARG A 129 2.19 17.55 25.37
CA ARG A 129 1.91 17.46 26.80
C ARG A 129 0.74 18.36 27.22
N ARG A 130 0.59 19.54 26.58
CA ARG A 130 -0.53 20.43 26.90
C ARG A 130 -1.86 19.89 26.38
N GLU A 131 -1.89 19.41 25.14
CA GLU A 131 -3.11 18.86 24.56
C GLU A 131 -3.58 17.61 25.27
N LEU A 132 -2.64 16.76 25.71
CA LEU A 132 -2.98 15.54 26.42
C LEU A 132 -3.52 15.83 27.80
N ALA A 133 -2.97 16.83 28.51
CA ALA A 133 -3.41 17.20 29.86
C ALA A 133 -4.85 17.69 29.92
N LYS A 134 -5.38 18.25 28.82
CA LYS A 134 -6.77 18.70 28.79
C LYS A 134 -7.77 17.51 28.80
N MET A 135 -7.30 16.29 28.42
CA MET A 135 -8.14 15.10 28.45
C MET A 135 -7.74 14.14 29.58
N LYS A 136 -7.15 14.68 30.67
CA LYS A 136 -6.67 13.97 31.85
C LYS A 136 -5.66 12.89 31.47
N GLN A 137 -4.77 13.20 30.52
CA GLN A 137 -3.79 12.25 30.01
C GLN A 137 -2.37 12.80 29.90
N GLU A 138 -1.40 11.90 29.63
CA GLU A 138 0.00 12.26 29.42
C GLU A 138 0.67 11.28 28.43
N PRO A 139 1.82 11.63 27.81
CA PRO A 139 2.45 10.69 26.86
C PRO A 139 2.74 9.32 27.47
N VAL A 140 2.69 8.25 26.66
CA VAL A 140 2.96 6.91 27.14
C VAL A 140 4.36 6.81 27.73
N LYS A 141 4.46 6.32 28.96
CA LYS A 141 5.74 6.16 29.64
C LYS A 141 6.41 4.85 29.17
N PRO A 142 7.75 4.78 29.18
CA PRO A 142 8.43 3.56 28.69
C PRO A 142 8.03 2.28 29.40
N GLU A 143 7.71 2.35 30.69
CA GLU A 143 7.28 1.19 31.48
C GLU A 143 5.88 0.74 31.11
N GLU A 144 5.01 1.67 30.64
CA GLU A 144 3.68 1.28 30.19
C GLU A 144 3.77 0.49 28.87
N GLY A 145 4.66 0.91 27.98
CA GLY A 145 4.91 0.21 26.74
C GLY A 145 5.47 -1.19 26.99
N ARG A 146 6.49 -1.29 27.88
CA ARG A 146 7.10 -2.57 28.22
C ARG A 146 6.09 -3.50 28.91
N ASP A 147 5.28 -2.98 29.85
CA ASP A 147 4.26 -3.80 30.50
C ASP A 147 3.20 -4.32 29.51
N MET A 148 2.82 -3.50 28.52
CA MET A 148 1.91 -3.94 27.48
C MET A 148 2.53 -5.05 26.61
N ALA A 149 3.78 -4.87 26.21
CA ALA A 149 4.49 -5.88 25.43
C ALA A 149 4.58 -7.22 26.19
N ASN A 150 4.79 -7.15 27.51
CA ASN A 150 4.83 -8.31 28.40
C ASN A 150 3.45 -8.97 28.48
N ARG A 151 2.41 -8.19 28.79
CA ARG A 151 1.05 -8.68 28.87
C ARG A 151 0.60 -9.45 27.60
N ILE A 152 0.89 -8.93 26.39
CA ILE A 152 0.44 -9.57 25.15
C ILE A 152 1.37 -10.73 24.68
N GLY A 153 2.50 -10.94 25.36
CA GLY A 153 3.44 -11.99 25.00
C GLY A 153 4.27 -11.64 23.78
N ALA A 154 4.55 -10.34 23.57
CA ALA A 154 5.38 -9.89 22.46
C ALA A 154 6.81 -10.40 22.58
N PHE A 155 7.48 -10.58 21.42
CA PHE A 155 8.88 -10.97 21.29
C PHE A 155 9.78 -9.92 22.00
N GLY A 156 9.39 -8.65 21.91
CA GLY A 156 10.06 -7.53 22.54
C GLY A 156 9.35 -6.20 22.35
N TYR A 157 9.86 -5.16 23.03
CA TYR A 157 9.38 -3.79 23.02
C TYR A 157 10.49 -2.86 22.53
N MET A 158 10.15 -1.98 21.56
CA MET A 158 11.07 -1.03 21.00
C MET A 158 10.41 0.33 20.79
N GLU A 159 11.21 1.40 20.77
CA GLU A 159 10.71 2.75 20.52
C GLU A 159 11.49 3.40 19.40
N CYS A 160 10.85 4.35 18.70
CA CYS A 160 11.50 5.05 17.61
C CYS A 160 10.83 6.38 17.34
N SER A 161 11.49 7.19 16.50
CA SER A 161 11.01 8.47 16.03
C SER A 161 11.23 8.53 14.51
N ALA A 162 10.18 8.30 13.69
CA ALA A 162 10.31 8.40 12.22
C ALA A 162 10.74 9.85 11.81
N LYS A 163 10.34 10.87 12.58
CA LYS A 163 10.69 12.27 12.30
C LYS A 163 12.21 12.56 12.40
N THR A 164 12.87 12.02 13.41
CA THR A 164 14.31 12.22 13.59
C THR A 164 15.16 11.00 13.18
N LYS A 165 14.53 9.92 12.70
CA LYS A 165 15.20 8.67 12.33
C LYS A 165 15.78 7.87 13.52
N ASP A 166 15.65 8.37 14.76
CA ASP A 166 16.19 7.66 15.93
C ASP A 166 15.49 6.33 16.24
N GLY A 167 16.25 5.24 16.23
CA GLY A 167 15.74 3.91 16.55
C GLY A 167 15.08 3.16 15.40
N VAL A 168 14.96 3.79 14.23
CA VAL A 168 14.30 3.17 13.06
C VAL A 168 15.09 1.99 12.47
N ARG A 169 16.38 2.16 12.11
CA ARG A 169 17.22 1.07 11.62
C ARG A 169 17.21 -0.14 12.63
N GLU A 170 17.37 0.12 13.93
CA GLU A 170 17.37 -0.91 14.97
C GLU A 170 16.09 -1.78 15.00
N VAL A 171 14.90 -1.17 14.88
CA VAL A 171 13.61 -1.88 14.82
C VAL A 171 13.59 -2.88 13.64
N PHE A 172 14.06 -2.45 12.46
CA PHE A 172 14.04 -3.32 11.27
C PHE A 172 15.13 -4.41 11.31
N GLU A 173 16.30 -4.13 11.90
CA GLU A 173 17.30 -5.18 12.05
C GLU A 173 16.82 -6.22 13.10
N MET A 174 16.08 -5.77 14.15
CA MET A 174 15.53 -6.68 15.15
C MET A 174 14.39 -7.54 14.58
N ALA A 175 13.49 -6.92 13.81
CA ALA A 175 12.42 -7.61 13.09
C ALA A 175 12.98 -8.72 12.18
N THR A 176 14.13 -8.46 11.52
CA THR A 176 14.77 -9.41 10.63
C THR A 176 15.26 -10.60 11.43
N ARG A 177 15.88 -10.34 12.59
CA ARG A 177 16.34 -11.36 13.52
C ARG A 177 15.13 -12.19 14.00
N ALA A 178 14.03 -11.52 14.38
CA ALA A 178 12.82 -12.21 14.83
C ALA A 178 12.24 -13.13 13.75
N ALA A 179 12.19 -12.64 12.50
CA ALA A 179 11.73 -13.42 11.34
C ALA A 179 12.62 -14.66 11.10
N LEU A 180 13.93 -14.58 11.43
CA LEU A 180 14.87 -15.68 11.22
C LEU A 180 14.71 -16.83 12.25
N GLN A 181 14.25 -16.52 13.47
CA GLN A 181 14.04 -17.56 14.49
C GLN A 181 12.84 -18.46 14.13
N SER B 1 4.43 -0.19 -18.94
CA SER B 1 4.48 1.27 -18.88
CA SER B 1 4.50 1.26 -18.85
C SER B 1 5.31 1.83 -20.01
N MET B 2 4.96 3.03 -20.46
CA MET B 2 5.65 3.67 -21.56
C MET B 2 6.53 4.80 -21.07
N GLU B 3 7.71 4.97 -21.70
CA GLU B 3 8.73 5.96 -21.34
C GLU B 3 8.15 7.37 -21.12
N MET B 4 7.18 7.77 -21.96
CA MET B 4 6.53 9.07 -21.87
CA MET B 4 6.54 9.07 -21.86
C MET B 4 5.94 9.30 -20.48
N ASP B 5 5.07 8.41 -20.02
CA ASP B 5 4.45 8.52 -18.71
C ASP B 5 5.44 8.27 -17.55
N GLU B 6 6.40 7.34 -17.73
CA GLU B 6 7.41 7.07 -16.71
C GLU B 6 8.24 8.33 -16.42
N LYS B 7 8.64 9.09 -17.46
CA LYS B 7 9.41 10.31 -17.25
C LYS B 7 8.51 11.42 -16.63
N ASP B 8 7.25 11.56 -17.10
CA ASP B 8 6.35 12.55 -16.52
C ASP B 8 6.09 12.29 -15.02
N PHE B 9 6.27 11.04 -14.58
CA PHE B 9 6.05 10.68 -13.20
C PHE B 9 7.33 10.16 -12.50
N ALA B 10 8.52 10.58 -12.97
CA ALA B 10 9.77 10.13 -12.38
C ALA B 10 10.13 10.86 -11.07
N ALA B 11 9.84 12.16 -10.97
CA ALA B 11 10.14 12.93 -9.77
C ALA B 11 9.32 12.45 -8.56
N ASP B 12 9.84 12.72 -7.35
CA ASP B 12 9.22 12.35 -6.09
C ASP B 12 7.97 13.17 -5.74
N SER B 13 7.75 14.31 -6.41
CA SER B 13 6.56 15.14 -6.15
C SER B 13 6.23 16.04 -7.37
N TRP B 14 5.06 16.71 -7.33
CA TRP B 14 4.69 17.66 -8.38
C TRP B 14 5.67 18.86 -8.37
N SER B 15 6.08 19.36 -7.17
CA SER B 15 6.98 20.51 -7.05
CA SER B 15 7.00 20.49 -7.00
C SER B 15 8.33 20.27 -7.71
N LEU B 16 8.79 19.01 -7.74
CA LEU B 16 10.04 18.62 -8.37
C LEU B 16 9.79 18.23 -9.87
N ALA B 17 8.55 17.79 -10.25
CA ALA B 17 8.25 17.45 -11.65
C ALA B 17 8.21 18.71 -12.56
N VAL B 18 7.59 19.79 -12.09
CA VAL B 18 7.48 21.01 -12.87
C VAL B 18 8.80 21.82 -12.85
N ASP B 19 8.96 22.77 -13.78
CA ASP B 19 10.11 23.66 -13.80
C ASP B 19 10.02 24.56 -12.56
N SER B 20 11.14 24.88 -11.90
CA SER B 20 11.11 25.73 -10.69
C SER B 20 10.55 27.17 -10.94
N SER B 21 10.73 27.73 -12.15
CA SER B 21 10.17 29.05 -12.46
C SER B 21 8.63 29.03 -12.58
N PHE B 22 8.04 27.83 -12.74
CA PHE B 22 6.60 27.63 -12.82
C PHE B 22 6.07 27.40 -11.40
N LEU B 23 6.80 26.63 -10.59
CA LEU B 23 6.50 26.36 -9.18
C LEU B 23 6.41 27.71 -8.40
N GLN B 24 7.41 28.60 -8.62
CA GLN B 24 7.50 29.93 -8.01
C GLN B 24 6.26 30.81 -8.24
N GLN B 25 5.54 30.57 -9.32
CA GLN B 25 4.34 31.33 -9.63
C GLN B 25 3.10 30.90 -8.85
N HIS B 26 3.15 29.77 -8.12
CA HIS B 26 1.96 29.28 -7.42
C HIS B 26 1.99 29.43 -5.90
N LYS B 27 0.78 29.55 -5.30
CA LYS B 27 0.63 29.61 -3.84
C LYS B 27 1.02 28.24 -3.23
N LYS B 28 1.45 28.21 -1.97
CA LYS B 28 1.83 26.95 -1.32
C LYS B 28 0.67 25.96 -1.23
N GLU B 29 -0.55 26.47 -1.06
CA GLU B 29 -1.75 25.65 -0.97
C GLU B 29 -2.01 24.90 -2.26
N VAL B 30 -1.71 25.53 -3.41
CA VAL B 30 -1.85 24.94 -4.74
C VAL B 30 -0.83 23.83 -4.90
N MET B 31 0.42 24.07 -4.49
CA MET B 31 1.50 23.10 -4.54
C MET B 31 1.15 21.86 -3.69
N LYS B 32 0.59 22.08 -2.47
CA LYS B 32 0.21 20.98 -1.62
C LYS B 32 -0.91 20.14 -2.25
N GLN B 33 -1.89 20.78 -2.85
CA GLN B 33 -2.97 20.06 -3.56
C GLN B 33 -2.37 19.24 -4.73
N GLN B 34 -1.57 19.90 -5.58
CA GLN B 34 -0.94 19.29 -6.74
C GLN B 34 0.00 18.14 -6.43
N ASP B 35 0.73 18.20 -5.30
CA ASP B 35 1.62 17.13 -4.89
C ASP B 35 0.79 15.86 -4.60
N VAL B 36 -0.35 15.98 -3.91
CA VAL B 36 -1.19 14.82 -3.61
C VAL B 36 -1.88 14.31 -4.88
N ILE B 37 -2.30 15.20 -5.80
CA ILE B 37 -2.90 14.75 -7.06
C ILE B 37 -1.88 13.97 -7.90
N TYR B 38 -0.64 14.48 -7.94
CA TYR B 38 0.45 13.82 -8.65
C TYR B 38 0.69 12.40 -8.05
N GLU B 39 0.64 12.27 -6.72
CA GLU B 39 0.82 10.97 -6.07
C GLU B 39 -0.30 9.99 -6.46
N LEU B 40 -1.54 10.49 -6.57
CA LEU B 40 -2.67 9.66 -7.01
C LEU B 40 -2.42 9.10 -8.43
N ILE B 41 -1.97 9.94 -9.36
CA ILE B 41 -1.75 9.50 -10.74
C ILE B 41 -0.52 8.60 -10.81
N GLN B 42 0.56 8.97 -10.12
CA GLN B 42 1.79 8.22 -10.12
C GLN B 42 1.57 6.77 -9.61
N THR B 43 0.82 6.62 -8.48
CA THR B 43 0.50 5.29 -7.94
C THR B 43 -0.50 4.53 -8.85
N GLU B 44 -1.36 5.25 -9.58
CA GLU B 44 -2.30 4.62 -10.53
C GLU B 44 -1.56 4.08 -11.75
N LEU B 45 -0.51 4.79 -12.20
CA LEU B 45 0.39 4.34 -13.26
C LEU B 45 1.11 3.05 -12.80
N HIS B 46 1.58 3.02 -11.53
CA HIS B 46 2.30 1.85 -10.96
C HIS B 46 1.37 0.64 -10.83
N HIS B 47 0.11 0.87 -10.42
CA HIS B 47 -0.89 -0.17 -10.24
C HIS B 47 -1.22 -0.81 -11.59
N VAL B 48 -1.35 0.01 -12.64
CA VAL B 48 -1.60 -0.46 -14.01
C VAL B 48 -0.37 -1.22 -14.54
N ARG B 49 0.84 -0.78 -14.18
CA ARG B 49 2.05 -1.49 -14.51
C ARG B 49 2.06 -2.88 -13.84
N THR B 50 1.66 -2.96 -12.54
CA THR B 50 1.55 -4.21 -11.78
C THR B 50 0.60 -5.19 -12.49
N LEU B 51 -0.58 -4.71 -12.92
CA LEU B 51 -1.55 -5.52 -13.66
C LEU B 51 -0.98 -5.99 -15.03
N LYS B 52 -0.10 -5.20 -15.69
CA LYS B 52 0.51 -5.62 -16.96
C LYS B 52 1.56 -6.71 -16.74
N ILE B 53 2.25 -6.70 -15.58
CA ILE B 53 3.23 -7.72 -15.24
C ILE B 53 2.46 -9.06 -15.03
N MET B 54 1.31 -9.00 -14.33
CA MET B 54 0.48 -10.18 -14.10
C MET B 54 -0.10 -10.75 -15.39
N THR B 55 -0.64 -9.93 -16.31
CA THR B 55 -1.22 -10.45 -17.55
C THR B 55 -0.21 -10.82 -18.64
N ARG B 56 0.77 -9.94 -18.94
CA ARG B 56 1.71 -10.14 -20.04
C ARG B 56 2.95 -10.94 -19.69
N LEU B 57 3.51 -10.72 -18.49
CA LEU B 57 4.73 -11.42 -18.12
C LEU B 57 4.45 -12.76 -17.45
N PHE B 58 3.67 -12.76 -16.36
CA PHE B 58 3.33 -13.97 -15.65
C PHE B 58 2.29 -14.86 -16.37
N ARG B 59 1.04 -14.43 -16.48
CA ARG B 59 -0.06 -15.19 -17.07
C ARG B 59 0.23 -15.70 -18.50
N THR B 60 0.55 -14.76 -19.41
CA THR B 60 0.81 -15.13 -20.80
C THR B 60 2.10 -15.95 -20.93
N GLY B 61 3.11 -15.61 -20.14
CA GLY B 61 4.38 -16.33 -20.13
C GLY B 61 4.20 -17.78 -19.74
N MET B 62 3.28 -18.05 -18.79
CA MET B 62 2.97 -19.40 -18.35
C MET B 62 2.22 -20.15 -19.43
N LEU B 63 1.30 -19.47 -20.13
CA LEU B 63 0.53 -20.07 -21.21
C LEU B 63 1.40 -20.44 -22.39
N GLU B 64 2.37 -19.60 -22.73
CA GLU B 64 3.23 -19.84 -23.88
C GLU B 64 4.46 -20.73 -23.63
N GLU B 65 4.99 -20.75 -22.38
N GLU B 65 5.27 -20.41 -22.59
CA GLU B 65 6.16 -21.60 -22.07
CA GLU B 65 6.52 -21.11 -22.36
C GLU B 65 5.88 -22.88 -21.27
C GLU B 65 6.39 -22.37 -21.50
N LEU B 66 4.90 -22.88 -20.37
N LEU B 66 5.23 -22.59 -20.87
CA LEU B 66 4.63 -24.06 -19.53
CA LEU B 66 4.98 -23.80 -20.10
C LEU B 66 3.49 -24.97 -20.05
C LEU B 66 3.76 -24.58 -20.62
N HIS B 67 3.35 -26.17 -19.44
N HIS B 67 2.92 -23.96 -21.48
CA HIS B 67 2.31 -27.13 -19.79
CA HIS B 67 1.69 -24.55 -22.03
C HIS B 67 1.41 -27.31 -18.57
C HIS B 67 0.77 -25.04 -20.92
N LEU B 68 0.77 -26.21 -18.14
N LEU B 68 0.68 -24.24 -19.84
CA LEU B 68 -0.11 -26.27 -16.97
CA LEU B 68 -0.11 -24.58 -18.67
C LEU B 68 -1.50 -26.73 -17.33
C LEU B 68 -1.61 -24.53 -18.93
N GLU B 69 -2.18 -27.41 -16.39
N GLU B 69 -2.36 -25.40 -18.23
CA GLU B 69 -3.54 -27.91 -16.56
CA GLU B 69 -3.81 -25.51 -18.34
C GLU B 69 -4.50 -26.77 -16.86
C GLU B 69 -4.47 -24.17 -18.01
N PRO B 70 -5.51 -26.99 -17.73
N PRO B 70 -5.33 -23.68 -18.91
CA PRO B 70 -6.46 -25.90 -18.04
CA PRO B 70 -5.96 -22.36 -18.67
C PRO B 70 -7.21 -25.45 -16.79
C PRO B 70 -6.72 -22.23 -17.35
N GLY B 71 -7.26 -24.14 -16.56
N GLY B 71 -7.19 -23.33 -16.80
CA GLY B 71 -7.92 -23.57 -15.39
CA GLY B 71 -7.90 -23.33 -15.53
C GLY B 71 -6.97 -23.27 -14.24
C GLY B 71 -6.99 -23.15 -14.34
N VAL B 72 -5.72 -23.77 -14.30
N VAL B 72 -5.76 -23.67 -14.44
CA VAL B 72 -4.71 -23.51 -13.28
CA VAL B 72 -4.74 -23.55 -13.40
C VAL B 72 -4.21 -22.06 -13.38
C VAL B 72 -4.22 -22.10 -13.40
N VAL B 73 -3.90 -21.59 -14.61
CA VAL B 73 -3.42 -20.22 -14.84
C VAL B 73 -4.51 -19.20 -14.40
N GLN B 74 -5.79 -19.51 -14.65
CA GLN B 74 -6.90 -18.65 -14.26
CA GLN B 74 -6.93 -18.68 -14.26
C GLN B 74 -7.01 -18.52 -12.74
N GLY B 75 -6.72 -19.61 -12.03
CA GLY B 75 -6.74 -19.65 -10.57
C GLY B 75 -5.60 -18.90 -9.93
N LEU B 76 -4.46 -18.76 -10.65
CA LEU B 76 -3.29 -18.00 -10.21
C LEU B 76 -3.49 -16.50 -10.42
N PHE B 77 -4.17 -16.11 -11.49
CA PHE B 77 -4.40 -14.71 -11.83
C PHE B 77 -5.89 -14.44 -12.09
N PRO B 78 -6.77 -14.54 -11.07
CA PRO B 78 -8.21 -14.30 -11.33
C PRO B 78 -8.50 -12.84 -11.72
N CYS B 79 -9.47 -12.59 -12.63
CA CYS B 79 -9.99 -11.27 -13.03
C CYS B 79 -8.94 -10.26 -13.51
N VAL B 80 -7.73 -10.68 -13.85
CA VAL B 80 -6.66 -9.74 -14.24
CA VAL B 80 -6.66 -9.76 -14.22
C VAL B 80 -6.96 -8.98 -15.53
N ASP B 81 -7.70 -9.59 -16.49
CA ASP B 81 -8.06 -8.88 -17.70
C ASP B 81 -9.12 -7.83 -17.39
N GLU B 82 -10.09 -8.14 -16.55
CA GLU B 82 -11.14 -7.18 -16.20
CA GLU B 82 -11.14 -7.19 -16.21
C GLU B 82 -10.58 -6.00 -15.43
N LEU B 83 -9.67 -6.26 -14.48
CA LEU B 83 -8.99 -5.28 -13.65
C LEU B 83 -8.12 -4.39 -14.51
N SER B 84 -7.34 -5.01 -15.41
CA SER B 84 -6.46 -4.25 -16.30
C SER B 84 -7.27 -3.28 -17.19
N ASP B 85 -8.48 -3.68 -17.63
CA ASP B 85 -9.35 -2.81 -18.41
C ASP B 85 -9.91 -1.64 -17.58
N ILE B 86 -10.45 -1.92 -16.38
CA ILE B 86 -10.98 -0.91 -15.44
C ILE B 86 -9.91 0.17 -15.11
N HIS B 87 -8.69 -0.28 -14.71
CA HIS B 87 -7.64 0.65 -14.31
C HIS B 87 -6.89 1.33 -15.48
N THR B 88 -6.70 0.66 -16.65
CA THR B 88 -6.07 1.34 -17.78
C THR B 88 -6.99 2.47 -18.29
N ARG B 89 -8.32 2.27 -18.26
CA ARG B 89 -9.25 3.31 -18.65
C ARG B 89 -9.18 4.50 -17.68
N PHE B 90 -9.16 4.22 -16.36
CA PHE B 90 -9.13 5.25 -15.33
C PHE B 90 -7.83 6.03 -15.47
N LEU B 91 -6.69 5.32 -15.63
CA LEU B 91 -5.39 5.95 -15.84
C LEU B 91 -5.42 6.87 -17.09
N SER B 92 -6.01 6.40 -18.19
CA SER B 92 -6.11 7.17 -19.42
CA SER B 92 -6.10 7.19 -19.43
C SER B 92 -6.79 8.52 -19.19
N GLN B 93 -7.88 8.52 -18.40
CA GLN B 93 -8.63 9.73 -18.10
C GLN B 93 -7.82 10.70 -17.20
N LEU B 94 -7.02 10.14 -16.27
CA LEU B 94 -6.20 10.92 -15.36
C LEU B 94 -5.07 11.59 -16.14
N LEU B 95 -4.42 10.83 -17.05
CA LEU B 95 -3.33 11.32 -17.88
C LEU B 95 -3.82 12.35 -18.88
N GLU B 96 -5.07 12.20 -19.37
CA GLU B 96 -5.66 13.16 -20.31
C GLU B 96 -6.00 14.48 -19.62
N ARG B 97 -6.48 14.41 -18.37
CA ARG B 97 -6.79 15.57 -17.55
C ARG B 97 -5.46 16.39 -17.31
N ARG B 98 -4.35 15.71 -17.01
CA ARG B 98 -3.05 16.35 -16.87
C ARG B 98 -2.59 16.99 -18.19
N ARG B 99 -2.68 16.24 -19.32
CA ARG B 99 -2.26 16.72 -20.63
CA ARG B 99 -2.26 16.71 -20.64
C ARG B 99 -3.02 17.98 -21.07
N GLN B 100 -4.35 18.01 -20.86
CA GLN B 100 -5.15 19.20 -21.21
C GLN B 100 -4.73 20.40 -20.37
N ALA B 101 -4.22 20.20 -19.16
CA ALA B 101 -3.81 21.26 -18.26
C ALA B 101 -2.39 21.79 -18.50
N LEU B 102 -1.63 21.18 -19.42
CA LEU B 102 -0.26 21.65 -19.69
C LEU B 102 -0.27 23.03 -20.34
N CYS B 103 0.72 23.85 -20.01
CA CYS B 103 0.86 25.15 -20.66
C CYS B 103 1.38 24.91 -22.08
N PRO B 104 1.04 25.79 -23.04
CA PRO B 104 1.66 25.68 -24.38
C PRO B 104 3.19 25.87 -24.28
N GLY B 105 3.96 25.10 -25.05
CA GLY B 105 5.42 25.14 -24.97
C GLY B 105 5.99 24.27 -23.85
N SER B 106 5.12 23.52 -23.16
CA SER B 106 5.55 22.70 -22.06
C SER B 106 5.01 21.29 -22.09
N THR B 107 5.86 20.31 -21.76
CA THR B 107 5.40 18.94 -21.54
C THR B 107 5.40 18.58 -20.03
N ARG B 108 5.76 19.53 -19.12
CA ARG B 108 5.76 19.21 -17.68
C ARG B 108 4.98 20.17 -16.77
N ASN B 109 4.80 21.43 -17.16
CA ASN B 109 4.11 22.43 -16.34
C ASN B 109 2.60 22.39 -16.49
N PHE B 110 1.88 21.97 -15.43
CA PHE B 110 0.42 21.89 -15.43
C PHE B 110 -0.14 22.10 -14.02
N VAL B 111 -1.44 22.43 -13.93
CA VAL B 111 -2.18 22.54 -12.67
C VAL B 111 -3.55 21.91 -12.92
N ILE B 112 -3.88 20.85 -12.19
CA ILE B 112 -5.18 20.22 -12.31
C ILE B 112 -6.11 20.87 -11.28
N HIS B 113 -7.07 21.67 -11.73
CA HIS B 113 -8.02 22.34 -10.83
C HIS B 113 -9.28 21.53 -10.55
N ARG B 114 -9.66 20.64 -11.48
N ARG B 114 -9.64 20.66 -11.49
CA ARG B 114 -10.89 19.86 -11.36
CA ARG B 114 -10.85 19.85 -11.38
C ARG B 114 -10.65 18.38 -11.43
C ARG B 114 -10.48 18.39 -11.46
N LEU B 115 -10.67 17.69 -10.31
N LEU B 115 -10.72 17.66 -10.38
CA LEU B 115 -10.46 16.25 -10.28
CA LEU B 115 -10.45 16.23 -10.29
C LEU B 115 -11.71 15.50 -9.77
C LEU B 115 -11.70 15.49 -9.77
N GLY B 116 -12.41 16.10 -8.82
CA GLY B 116 -13.62 15.54 -8.23
C GLY B 116 -14.65 14.99 -9.22
N ASP B 117 -14.92 15.71 -10.33
CA ASP B 117 -15.84 15.27 -11.36
C ASP B 117 -15.38 13.93 -11.97
N LEU B 118 -14.08 13.80 -12.22
CA LEU B 118 -13.49 12.58 -12.77
C LEU B 118 -13.63 11.44 -11.75
N LEU B 119 -13.37 11.72 -10.47
CA LEU B 119 -13.48 10.72 -9.41
C LEU B 119 -14.94 10.26 -9.18
N ILE B 120 -15.94 11.18 -9.26
CA ILE B 120 -17.36 10.82 -9.15
C ILE B 120 -17.75 9.87 -10.30
N SER B 121 -17.27 10.15 -11.52
CA SER B 121 -17.55 9.30 -12.68
CA SER B 121 -17.56 9.32 -12.68
C SER B 121 -17.00 7.89 -12.52
N GLN B 122 -15.75 7.76 -12.10
CA GLN B 122 -15.16 6.43 -11.92
C GLN B 122 -15.86 5.64 -10.79
N PHE B 123 -16.23 6.31 -9.69
CA PHE B 123 -16.79 5.61 -8.53
C PHE B 123 -18.32 5.70 -8.42
N SER B 124 -19.02 5.81 -9.55
CA SER B 124 -20.49 5.82 -9.60
C SER B 124 -20.96 5.15 -10.90
N GLY B 125 -22.22 4.72 -10.95
CA GLY B 125 -22.80 4.08 -12.12
C GLY B 125 -22.17 2.76 -12.53
N PRO B 126 -22.33 2.40 -13.81
CA PRO B 126 -21.77 1.13 -14.32
C PRO B 126 -20.31 0.86 -13.98
N SER B 127 -19.41 1.86 -14.06
CA SER B 127 -18.00 1.63 -13.72
C SER B 127 -17.82 1.25 -12.24
N ALA B 128 -18.58 1.85 -11.31
CA ALA B 128 -18.49 1.47 -9.89
C ALA B 128 -18.99 0.04 -9.67
N GLU B 129 -20.09 -0.36 -10.35
CA GLU B 129 -20.64 -1.71 -10.24
C GLU B 129 -19.68 -2.77 -10.79
N GLN B 130 -18.90 -2.41 -11.81
CA GLN B 130 -17.93 -3.34 -12.37
CA GLN B 130 -17.91 -3.29 -12.41
C GLN B 130 -16.73 -3.48 -11.45
N MET B 131 -16.30 -2.38 -10.76
CA MET B 131 -15.20 -2.49 -9.79
C MET B 131 -15.65 -3.29 -8.57
N CYS B 132 -16.90 -3.07 -8.09
CA CYS B 132 -17.40 -3.80 -6.93
C CYS B 132 -17.44 -5.32 -7.21
N LYS B 133 -18.05 -5.70 -8.33
CA LYS B 133 -18.15 -7.07 -8.77
C LYS B 133 -16.74 -7.72 -8.99
N THR B 134 -15.81 -7.01 -9.65
CA THR B 134 -14.48 -7.56 -9.95
C THR B 134 -13.61 -7.68 -8.69
N TYR B 135 -13.63 -6.70 -7.78
CA TYR B 135 -12.87 -6.80 -6.53
C TYR B 135 -13.46 -7.82 -5.56
N SER B 136 -14.81 -7.99 -5.53
CA SER B 136 -15.40 -9.01 -4.65
C SER B 136 -14.99 -10.40 -5.14
N GLU B 137 -14.92 -10.61 -6.47
CA GLU B 137 -14.47 -11.85 -7.07
C GLU B 137 -12.97 -12.04 -6.80
N PHE B 138 -12.12 -11.04 -7.15
CA PHE B 138 -10.67 -11.11 -6.97
C PHE B 138 -10.23 -11.43 -5.52
N CYS B 139 -10.71 -10.64 -4.56
CA CYS B 139 -10.36 -10.80 -3.16
C CYS B 139 -10.90 -12.09 -2.54
N SER B 140 -12.00 -12.66 -3.11
CA SER B 140 -12.49 -13.95 -2.63
C SER B 140 -11.59 -15.10 -3.11
N ARG B 141 -10.89 -14.91 -4.26
CA ARG B 141 -9.98 -15.89 -4.86
C ARG B 141 -8.49 -15.68 -4.51
N HIS B 142 -8.19 -14.64 -3.73
CA HIS B 142 -6.87 -14.25 -3.30
C HIS B 142 -6.10 -15.37 -2.60
N SER B 143 -6.66 -15.97 -1.56
CA SER B 143 -5.99 -17.04 -0.82
CA SER B 143 -5.99 -17.03 -0.82
C SER B 143 -5.68 -18.24 -1.69
N LYS B 144 -6.65 -18.66 -2.52
CA LYS B 144 -6.50 -19.81 -3.40
C LYS B 144 -5.39 -19.56 -4.42
N ALA B 145 -5.27 -18.34 -4.96
CA ALA B 145 -4.22 -17.99 -5.90
C ALA B 145 -2.83 -18.17 -5.25
N LEU B 146 -2.68 -17.76 -3.96
CA LEU B 146 -1.43 -17.89 -3.20
C LEU B 146 -1.09 -19.36 -2.93
N LYS B 147 -2.06 -20.14 -2.42
CA LYS B 147 -1.89 -21.57 -2.14
C LYS B 147 -1.52 -22.33 -3.40
N LEU B 148 -2.23 -22.08 -4.51
CA LEU B 148 -1.92 -22.70 -5.79
C LEU B 148 -0.50 -22.35 -6.26
N TYR B 149 -0.07 -21.09 -6.10
CA TYR B 149 1.28 -20.68 -6.48
C TYR B 149 2.35 -21.42 -5.68
N LYS B 150 2.17 -21.52 -4.34
CA LYS B 150 3.08 -22.20 -3.42
C LYS B 150 3.14 -23.70 -3.71
N GLU B 151 2.01 -24.29 -4.12
CA GLU B 151 1.95 -25.72 -4.47
CA GLU B 151 1.99 -25.72 -4.46
C GLU B 151 2.79 -25.99 -5.72
N LEU B 152 2.63 -25.16 -6.76
CA LEU B 152 3.36 -25.31 -8.01
C LEU B 152 4.85 -25.01 -7.91
N TYR B 153 5.24 -24.07 -7.05
CA TYR B 153 6.64 -23.69 -6.90
C TYR B 153 7.41 -24.80 -6.22
N ALA B 154 6.83 -25.42 -5.18
CA ALA B 154 7.50 -26.47 -4.44
C ALA B 154 7.51 -27.84 -5.13
N ARG B 155 6.53 -28.12 -6.00
CA ARG B 155 6.44 -29.41 -6.65
CA ARG B 155 6.39 -29.41 -6.66
C ARG B 155 6.88 -29.43 -8.12
N ASP B 156 6.79 -28.29 -8.84
CA ASP B 156 7.17 -28.26 -10.25
C ASP B 156 8.46 -27.47 -10.57
N LYS B 157 9.52 -28.21 -10.98
CA LYS B 157 10.85 -27.68 -11.33
C LYS B 157 10.77 -26.70 -12.48
N ARG B 158 9.93 -27.00 -13.49
CA ARG B 158 9.77 -26.12 -14.66
C ARG B 158 9.08 -24.80 -14.28
N PHE B 159 8.10 -24.86 -13.38
CA PHE B 159 7.41 -23.68 -12.90
C PHE B 159 8.41 -22.82 -12.09
N GLN B 160 9.22 -23.47 -11.23
CA GLN B 160 10.26 -22.85 -10.41
C GLN B 160 11.27 -22.12 -11.29
N GLN B 161 11.75 -22.76 -12.40
CA GLN B 161 12.71 -22.16 -13.33
C GLN B 161 12.08 -21.00 -14.12
N PHE B 162 10.77 -21.09 -14.42
CA PHE B 162 10.07 -20.04 -15.13
C PHE B 162 10.01 -18.81 -14.23
N ILE B 163 9.58 -19.00 -12.97
CA ILE B 163 9.46 -17.92 -12.00
C ILE B 163 10.82 -17.25 -11.74
N ARG B 164 11.85 -18.06 -11.44
CA ARG B 164 13.21 -17.55 -11.20
C ARG B 164 13.73 -16.73 -12.38
N LYS B 165 13.38 -17.15 -13.59
CA LYS B 165 13.79 -16.47 -14.81
C LYS B 165 13.07 -15.12 -15.04
N VAL B 166 11.73 -15.13 -15.12
CA VAL B 166 10.99 -13.90 -15.42
C VAL B 166 11.04 -12.86 -14.28
N THR B 167 11.36 -13.26 -13.03
CA THR B 167 11.46 -12.32 -11.92
C THR B 167 12.90 -11.95 -11.55
N ARG B 168 13.90 -12.40 -12.32
CA ARG B 168 15.31 -12.11 -12.04
C ARG B 168 15.72 -10.61 -12.19
N PRO B 169 15.24 -9.83 -13.20
CA PRO B 169 15.64 -8.41 -13.28
C PRO B 169 15.36 -7.62 -12.00
N ALA B 170 16.25 -6.67 -11.65
CA ALA B 170 16.12 -5.81 -10.46
C ALA B 170 14.79 -5.02 -10.43
N VAL B 171 14.29 -4.58 -11.59
CA VAL B 171 13.03 -3.84 -11.66
C VAL B 171 11.84 -4.63 -11.14
N LEU B 172 11.93 -5.98 -11.11
CA LEU B 172 10.86 -6.85 -10.62
C LEU B 172 11.07 -7.30 -9.15
N LYS B 173 12.02 -6.68 -8.41
CA LYS B 173 12.37 -7.01 -7.03
C LYS B 173 11.18 -7.11 -6.06
N ARG B 174 10.28 -6.12 -6.07
CA ARG B 174 9.08 -6.11 -5.26
C ARG B 174 7.81 -6.50 -6.04
N HIS B 175 7.98 -7.24 -7.17
CA HIS B 175 6.87 -7.60 -8.02
C HIS B 175 6.78 -9.08 -8.37
N GLY B 176 7.02 -9.97 -7.41
CA GLY B 176 6.78 -11.40 -7.63
C GLY B 176 5.28 -11.67 -7.74
N VAL B 177 4.90 -12.93 -7.93
CA VAL B 177 3.49 -13.32 -8.09
C VAL B 177 2.64 -12.98 -6.85
N GLN B 178 3.10 -13.35 -5.66
CA GLN B 178 2.37 -13.09 -4.41
C GLN B 178 2.31 -11.59 -4.10
N GLU B 179 3.41 -10.87 -4.41
CA GLU B 179 3.49 -9.43 -4.19
C GLU B 179 2.46 -8.74 -5.08
N CYS B 180 2.35 -9.12 -6.38
CA CYS B 180 1.38 -8.52 -7.33
C CYS B 180 -0.07 -8.68 -6.83
N ILE B 181 -0.43 -9.88 -6.36
CA ILE B 181 -1.77 -10.17 -5.80
C ILE B 181 -2.09 -9.25 -4.59
N LEU B 182 -1.17 -9.14 -3.62
CA LEU B 182 -1.44 -8.27 -2.46
C LEU B 182 -1.42 -6.80 -2.86
N LEU B 183 -0.58 -6.41 -3.82
CA LEU B 183 -0.53 -5.02 -4.30
C LEU B 183 -1.88 -4.63 -4.91
N VAL B 184 -2.51 -5.55 -5.66
CA VAL B 184 -3.81 -5.32 -6.28
C VAL B 184 -4.91 -5.23 -5.22
N THR B 185 -4.93 -6.18 -4.24
CA THR B 185 -5.92 -6.20 -3.17
C THR B 185 -5.85 -4.92 -2.35
N GLN B 186 -4.65 -4.47 -2.01
CA GLN B 186 -4.49 -3.26 -1.21
C GLN B 186 -4.78 -1.95 -1.94
N ARG B 187 -4.79 -1.93 -3.28
CA ARG B 187 -5.00 -0.69 -4.03
C ARG B 187 -6.30 0.04 -3.69
N ILE B 188 -7.41 -0.69 -3.64
CA ILE B 188 -8.70 -0.06 -3.40
C ILE B 188 -8.78 0.70 -2.06
N THR B 189 -8.09 0.23 -1.00
CA THR B 189 -8.11 0.92 0.28
C THR B 189 -7.14 2.12 0.36
N LYS B 190 -6.33 2.38 -0.70
CA LYS B 190 -5.47 3.56 -0.78
C LYS B 190 -6.25 4.80 -1.22
N TYR B 191 -7.30 4.62 -2.05
CA TYR B 191 -8.11 5.73 -2.61
C TYR B 191 -8.66 6.69 -1.54
N PRO B 192 -9.33 6.22 -0.47
CA PRO B 192 -9.83 7.17 0.54
C PRO B 192 -8.72 7.99 1.18
N LEU B 193 -7.54 7.41 1.39
CA LEU B 193 -6.41 8.12 1.98
CA LEU B 193 -6.42 8.14 1.99
C LEU B 193 -5.96 9.26 1.05
N LEU B 194 -5.80 8.95 -0.26
CA LEU B 194 -5.38 9.91 -1.27
C LEU B 194 -6.41 11.02 -1.47
N ILE B 195 -7.69 10.66 -1.68
CA ILE B 195 -8.78 11.63 -1.87
C ILE B 195 -8.99 12.55 -0.65
N SER B 196 -8.90 12.02 0.59
CA SER B 196 -9.10 12.84 1.79
CA SER B 196 -9.11 12.86 1.78
CA SER B 196 -9.09 12.84 1.80
C SER B 196 -8.00 13.89 1.95
N ARG B 197 -6.76 13.56 1.53
CA ARG B 197 -5.65 14.51 1.64
C ARG B 197 -5.71 15.58 0.50
N ILE B 198 -6.29 15.21 -0.66
CA ILE B 198 -6.51 16.14 -1.78
C ILE B 198 -7.61 17.13 -1.32
N LEU B 199 -8.70 16.61 -0.72
CA LEU B 199 -9.80 17.39 -0.20
C LEU B 199 -9.33 18.37 0.89
N GLN B 200 -8.39 17.97 1.74
CA GLN B 200 -7.80 18.82 2.77
C GLN B 200 -7.22 20.12 2.15
N HIS B 201 -6.74 20.05 0.90
CA HIS B 201 -6.13 21.17 0.20
C HIS B 201 -6.95 21.68 -1.00
N SER B 202 -8.27 21.42 -1.00
CA SER B 202 -9.14 21.85 -2.12
C SER B 202 -10.36 22.65 -1.63
N HIS B 203 -10.17 23.47 -0.60
CA HIS B 203 -11.25 24.30 -0.07
C HIS B 203 -11.38 25.66 -0.77
N GLY B 204 -10.44 26.00 -1.65
CA GLY B 204 -10.43 27.27 -2.37
C GLY B 204 -11.62 27.47 -3.28
N ILE B 205 -12.02 26.42 -4.00
CA ILE B 205 -13.19 26.49 -4.86
CA ILE B 205 -13.19 26.49 -4.86
C ILE B 205 -14.24 25.57 -4.25
N GLU B 206 -15.35 26.14 -3.79
CA GLU B 206 -16.39 25.35 -3.13
C GLU B 206 -16.94 24.19 -4.01
N GLU B 207 -17.08 24.38 -5.34
CA GLU B 207 -17.55 23.32 -6.23
C GLU B 207 -16.64 22.08 -6.12
N GLU B 208 -15.31 22.30 -6.16
CA GLU B 208 -14.31 21.25 -6.04
C GLU B 208 -14.32 20.54 -4.66
N ARG B 209 -14.48 21.29 -3.57
CA ARG B 209 -14.56 20.69 -2.24
C ARG B 209 -15.78 19.75 -2.14
N GLN B 210 -16.92 20.18 -2.70
CA GLN B 210 -18.14 19.38 -2.71
C GLN B 210 -17.97 18.14 -3.58
N ASP B 211 -17.39 18.27 -4.79
CA ASP B 211 -17.15 17.13 -5.70
C ASP B 211 -16.21 16.08 -5.06
N LEU B 212 -15.17 16.53 -4.35
CA LEU B 212 -14.24 15.63 -3.69
C LEU B 212 -14.88 14.95 -2.48
N THR B 213 -15.77 15.65 -1.77
CA THR B 213 -16.50 15.09 -0.63
C THR B 213 -17.47 14.00 -1.15
N THR B 214 -18.11 14.24 -2.31
CA THR B 214 -19.00 13.24 -2.89
C THR B 214 -18.18 12.02 -3.33
N ALA B 215 -17.03 12.25 -3.99
CA ALA B 215 -16.16 11.18 -4.47
C ALA B 215 -15.68 10.28 -3.35
N LEU B 216 -15.29 10.90 -2.20
CA LEU B 216 -14.86 10.18 -1.00
C LEU B 216 -15.97 9.26 -0.43
N GLY B 217 -17.20 9.79 -0.38
CA GLY B 217 -18.37 9.02 0.06
C GLY B 217 -18.65 7.85 -0.88
N LEU B 218 -18.47 8.04 -2.19
CA LEU B 218 -18.65 6.96 -3.16
C LEU B 218 -17.59 5.85 -3.04
N VAL B 219 -16.30 6.22 -2.85
CA VAL B 219 -15.22 5.24 -2.71
C VAL B 219 -15.46 4.38 -1.44
N LYS B 220 -15.85 5.02 -0.33
CA LYS B 220 -16.16 4.35 0.93
C LYS B 220 -17.37 3.40 0.80
N GLU B 221 -18.38 3.79 0.00
CA GLU B 221 -19.55 2.95 -0.23
CA GLU B 221 -19.55 2.94 -0.24
C GLU B 221 -19.12 1.69 -1.00
N LEU B 222 -18.23 1.87 -2.00
CA LEU B 222 -17.67 0.79 -2.82
C LEU B 222 -16.85 -0.17 -1.94
N LEU B 223 -15.97 0.37 -1.09
CA LEU B 223 -15.16 -0.43 -0.18
C LEU B 223 -15.98 -1.29 0.79
N SER B 224 -17.03 -0.70 1.37
CA SER B 224 -17.90 -1.42 2.28
CA SER B 224 -17.92 -1.41 2.28
C SER B 224 -18.64 -2.53 1.53
N ASN B 225 -19.02 -2.29 0.25
CA ASN B 225 -19.71 -3.28 -0.58
C ASN B 225 -18.75 -4.44 -0.93
N VAL B 226 -17.51 -4.13 -1.35
CA VAL B 226 -16.51 -5.16 -1.65
C VAL B 226 -16.24 -6.00 -0.37
N ASP B 227 -16.06 -5.33 0.77
CA ASP B 227 -15.81 -5.98 2.06
C ASP B 227 -16.93 -6.96 2.44
N GLU B 228 -18.19 -6.58 2.19
CA GLU B 228 -19.33 -7.43 2.50
C GLU B 228 -19.50 -8.60 1.54
N GLY B 229 -18.97 -8.50 0.32
CA GLY B 229 -19.11 -9.53 -0.69
C GLY B 229 -18.01 -10.58 -0.74
N ILE B 230 -17.04 -10.48 0.16
CA ILE B 230 -15.90 -11.38 0.22
C ILE B 230 -16.10 -12.60 1.14
N TYR B 231 -15.72 -13.78 0.64
CA TYR B 231 -15.62 -15.04 1.36
C TYR B 231 -14.54 -15.90 0.70
N GLN B 232 -13.45 -16.19 1.42
CA GLN B 232 -12.34 -16.96 0.85
C GLN B 232 -12.75 -18.34 0.32
N LEU B 233 -12.36 -18.62 -0.91
CA LEU B 233 -12.60 -19.88 -1.60
C LEU B 233 -11.47 -20.83 -1.21
N GLU B 234 -11.80 -22.08 -0.90
CA GLU B 234 -10.77 -23.06 -0.52
C GLU B 234 -10.71 -24.20 -1.53
N LYS B 235 -9.49 -24.66 -1.89
CA LYS B 235 -9.35 -25.76 -2.84
C LYS B 235 -9.08 -27.10 -2.15
#